data_2VZR
#
_entry.id   2VZR
#
_cell.length_a   54.569
_cell.length_b   56.981
_cell.length_c   81.352
_cell.angle_alpha   90.00
_cell.angle_beta   90.00
_cell.angle_gamma   90.00
#
_symmetry.space_group_name_H-M   'P 21 21 21'
#
loop_
_entity.id
_entity.type
_entity.pdbx_description
1 polymer EXO-BETA-D-GLUCOSAMINIDASE
2 non-polymer 'CALCIUM ION'
3 non-polymer 'alpha-D-glucopyranuronic acid'
4 non-polymer 1,2-ETHANEDIOL
5 water water
#
_entity_poly.entity_id   1
_entity_poly.type   'polypeptide(L)'
_entity_poly.pdbx_seq_one_letter_code
;SDPVDYQAEDATIVQGAVESNHAGYTGTGFVNYDNVAGSSVEWTVTVPSAGTYDVVVRYANGTTTSRPLDFSVNGSISAS
GVAFGSTGTWPAWTTKTVRVTLAAGVNKIKAVATTANGGPNVDKITL
;
_entity_poly.pdbx_strand_id   A,B
#
loop_
_chem_comp.id
_chem_comp.type
_chem_comp.name
_chem_comp.formula
CA non-polymer 'CALCIUM ION' 'Ca 2'
EDO non-polymer 1,2-ETHANEDIOL 'C2 H6 O2'
GCU D-saccharide, alpha linking 'alpha-D-glucopyranuronic acid' 'C6 H10 O7'
#
# COMPACT_ATOMS: atom_id res chain seq x y z
N PRO A 3 18.13 -12.81 -20.30
CA PRO A 3 17.87 -13.38 -18.98
C PRO A 3 18.33 -12.42 -17.87
N VAL A 4 17.49 -11.45 -17.55
CA VAL A 4 17.92 -10.29 -16.75
C VAL A 4 17.26 -10.24 -15.37
N ASP A 5 18.06 -9.95 -14.34
CA ASP A 5 17.54 -9.82 -12.98
C ASP A 5 17.14 -8.37 -12.73
N TYR A 6 15.94 -8.20 -12.18
CA TYR A 6 15.42 -6.91 -11.77
C TYR A 6 15.10 -6.98 -10.27
N GLN A 7 16.00 -6.44 -9.45
CA GLN A 7 15.86 -6.47 -7.98
C GLN A 7 14.63 -5.72 -7.43
N ALA A 8 13.89 -6.37 -6.52
CA ALA A 8 12.67 -5.77 -5.95
C ALA A 8 12.97 -4.47 -5.20
N GLU A 9 14.08 -4.48 -4.47
CA GLU A 9 14.54 -3.34 -3.67
C GLU A 9 14.90 -2.12 -4.55
N ASP A 10 15.00 -2.34 -5.86
CA ASP A 10 15.30 -1.27 -6.81
C ASP A 10 14.07 -0.80 -7.57
N ALA A 11 12.95 -1.45 -7.27
CA ALA A 11 11.70 -1.17 -7.95
C ALA A 11 10.87 -0.16 -7.18
N THR A 12 9.70 0.18 -7.71
CA THR A 12 8.75 1.06 -7.01
C THR A 12 7.94 0.28 -5.96
N ILE A 13 8.05 0.70 -4.70
CA ILE A 13 7.48 -0.05 -3.58
C ILE A 13 6.34 0.75 -2.95
N VAL A 14 5.18 0.12 -2.81
CA VAL A 14 4.03 0.73 -2.15
C VAL A 14 3.70 -0.09 -0.91
N GLN A 15 3.66 0.56 0.25
CA GLN A 15 3.46 -0.11 1.55
C GLN A 15 4.35 -1.34 1.71
N GLY A 16 5.66 -1.09 1.72
CA GLY A 16 6.65 -2.14 1.90
C GLY A 16 7.96 -1.50 2.33
N ALA A 17 8.95 -2.34 2.59
CA ALA A 17 10.23 -1.89 3.11
C ALA A 17 11.34 -2.75 2.56
N VAL A 18 12.45 -2.13 2.17
CA VAL A 18 13.69 -2.86 1.84
C VAL A 18 14.33 -3.38 3.12
N GLU A 19 14.52 -4.70 3.20
CA GLU A 19 15.10 -5.34 4.37
C GLU A 19 16.13 -6.35 3.91
N SER A 20 16.92 -6.84 4.86
CA SER A 20 18.07 -7.67 4.53
C SER A 20 18.41 -8.64 5.67
N ASN A 21 17.40 -8.94 6.50
CA ASN A 21 17.62 -9.70 7.74
C ASN A 21 17.43 -11.22 7.62
N HIS A 22 17.09 -11.69 6.42
CA HIS A 22 17.00 -13.11 6.16
C HIS A 22 18.00 -13.39 5.05
N ALA A 23 18.81 -14.43 5.21
CA ALA A 23 19.89 -14.72 4.27
C ALA A 23 19.35 -15.24 2.93
N GLY A 24 20.17 -15.12 1.88
CA GLY A 24 19.90 -15.78 0.61
C GLY A 24 19.36 -14.89 -0.48
N TYR A 25 19.03 -13.64 -0.13
CA TYR A 25 18.61 -12.68 -1.12
C TYR A 25 19.77 -12.37 -2.09
N THR A 26 19.42 -11.90 -3.27
CA THR A 26 20.39 -11.38 -4.27
C THR A 26 20.23 -9.87 -4.33
N GLY A 27 21.16 -9.19 -5.00
CA GLY A 27 21.18 -7.72 -4.92
C GLY A 27 21.53 -7.27 -3.51
N THR A 28 21.04 -6.11 -3.11
CA THR A 28 21.40 -5.59 -1.80
C THR A 28 20.38 -5.93 -0.70
N GLY A 29 19.27 -6.56 -1.07
CA GLY A 29 18.22 -6.88 -0.10
C GLY A 29 17.02 -7.54 -0.71
N PHE A 30 15.85 -7.28 -0.12
CA PHE A 30 14.56 -7.78 -0.67
C PHE A 30 13.46 -6.81 -0.24
N VAL A 31 12.28 -6.97 -0.83
CA VAL A 31 11.11 -6.24 -0.36
C VAL A 31 10.25 -7.09 0.58
N ASN A 32 10.07 -6.54 1.79
CA ASN A 32 9.07 -7.03 2.72
C ASN A 32 7.78 -6.24 2.50
N TYR A 33 6.75 -6.89 1.94
CA TYR A 33 5.46 -6.23 1.77
C TYR A 33 4.85 -5.93 3.14
N ASP A 34 4.25 -4.76 3.35
CA ASP A 34 3.48 -4.57 4.58
C ASP A 34 2.33 -5.59 4.62
N ASN A 35 1.93 -6.04 5.81
CA ASN A 35 0.89 -7.06 5.92
C ASN A 35 -0.50 -6.41 5.86
N VAL A 36 -0.81 -5.92 4.66
CA VAL A 36 -2.10 -5.32 4.33
C VAL A 36 -2.39 -5.70 2.88
N ALA A 37 -3.66 -5.72 2.50
CA ALA A 37 -3.99 -5.78 1.08
C ALA A 37 -3.57 -4.46 0.44
N GLY A 38 -3.01 -4.52 -0.77
CA GLY A 38 -2.65 -3.31 -1.48
C GLY A 38 -1.17 -3.01 -1.54
N SER A 39 -0.39 -3.71 -0.71
CA SER A 39 1.06 -3.59 -0.80
C SER A 39 1.53 -4.10 -2.18
N SER A 40 2.50 -3.41 -2.78
CA SER A 40 2.87 -3.74 -4.15
C SER A 40 4.33 -3.46 -4.40
N VAL A 41 4.90 -4.18 -5.38
CA VAL A 41 6.17 -3.80 -5.97
C VAL A 41 5.93 -3.66 -7.48
N GLU A 42 6.48 -2.60 -8.08
CA GLU A 42 6.37 -2.39 -9.53
C GLU A 42 7.74 -2.23 -10.18
N TRP A 43 8.08 -3.19 -11.04
CA TRP A 43 9.36 -3.24 -11.76
C TRP A 43 9.26 -2.57 -13.14
N THR A 44 10.31 -1.87 -13.53
CA THR A 44 10.44 -1.34 -14.88
C THR A 44 11.38 -2.28 -15.62
N VAL A 45 10.88 -2.92 -16.68
CA VAL A 45 11.67 -3.92 -17.39
C VAL A 45 11.80 -3.51 -18.86
N THR A 46 12.80 -4.05 -19.56
CA THR A 46 12.90 -3.86 -21.02
C THR A 46 13.11 -5.20 -21.73
N VAL A 47 12.32 -5.41 -22.77
CA VAL A 47 12.41 -6.62 -23.57
C VAL A 47 12.55 -6.24 -25.06
N PRO A 48 13.16 -7.15 -25.85
CA PRO A 48 13.43 -6.81 -27.25
C PRO A 48 12.24 -6.99 -28.20
N SER A 49 11.24 -7.78 -27.81
CA SER A 49 10.12 -8.08 -28.67
CA SER A 49 10.13 -8.16 -28.67
C SER A 49 8.82 -8.28 -27.90
N ALA A 50 7.70 -7.97 -28.57
CA ALA A 50 6.37 -8.17 -28.02
C ALA A 50 6.10 -9.66 -27.90
N GLY A 51 5.37 -10.04 -26.86
CA GLY A 51 4.99 -11.45 -26.70
C GLY A 51 4.86 -11.80 -25.24
N THR A 52 4.69 -13.09 -24.96
CA THR A 52 4.46 -13.51 -23.57
C THR A 52 5.77 -14.02 -22.99
N TYR A 53 6.15 -13.47 -21.84
CA TYR A 53 7.43 -13.79 -21.19
C TYR A 53 7.21 -14.60 -19.92
N ASP A 54 8.14 -15.51 -19.65
CA ASP A 54 8.16 -16.22 -18.38
C ASP A 54 8.87 -15.32 -17.36
N VAL A 55 8.11 -14.84 -16.38
CA VAL A 55 8.65 -13.94 -15.36
C VAL A 55 8.89 -14.77 -14.12
N VAL A 56 10.15 -14.96 -13.78
CA VAL A 56 10.51 -15.79 -12.65
C VAL A 56 10.60 -14.91 -11.40
N VAL A 57 9.66 -15.15 -10.48
CA VAL A 57 9.56 -14.41 -9.22
C VAL A 57 10.32 -15.20 -8.12
N ARG A 58 11.29 -14.57 -7.47
CA ARG A 58 12.02 -15.20 -6.36
C ARG A 58 11.50 -14.60 -5.04
N TYR A 59 10.97 -15.47 -4.19
CA TYR A 59 10.17 -15.06 -3.04
C TYR A 59 10.36 -16.03 -1.88
N ALA A 60 9.88 -15.61 -0.71
CA ALA A 60 9.84 -16.47 0.45
C ALA A 60 8.55 -16.21 1.23
N ASN A 61 8.07 -17.26 1.89
CA ASN A 61 6.86 -17.23 2.73
C ASN A 61 6.99 -18.21 3.90
N GLY A 62 7.49 -17.68 5.02
CA GLY A 62 7.70 -18.48 6.23
C GLY A 62 6.46 -18.58 7.09
N THR A 63 5.32 -18.85 6.43
CA THR A 63 4.04 -19.14 7.10
C THR A 63 3.32 -20.26 6.35
N THR A 64 2.25 -20.78 6.95
CA THR A 64 1.45 -21.85 6.34
C THR A 64 0.32 -21.34 5.43
N THR A 65 0.17 -20.02 5.33
CA THR A 65 -0.91 -19.44 4.54
C THR A 65 -0.35 -18.86 3.23
N SER A 66 -0.92 -19.27 2.10
CA SER A 66 -0.57 -18.69 0.81
CA SER A 66 -0.57 -18.68 0.80
C SER A 66 -0.82 -17.18 0.81
N ARG A 67 0.03 -16.46 0.11
CA ARG A 67 -0.08 -15.02 -0.01
C ARG A 67 -0.17 -14.63 -1.49
N PRO A 68 -1.41 -14.53 -2.00
CA PRO A 68 -1.65 -14.27 -3.41
C PRO A 68 -1.28 -12.84 -3.87
N LEU A 69 -0.81 -12.75 -5.11
CA LEU A 69 -0.56 -11.49 -5.81
C LEU A 69 -1.30 -11.41 -7.15
N ASP A 70 -1.76 -10.21 -7.50
CA ASP A 70 -2.26 -9.91 -8.84
C ASP A 70 -1.14 -9.24 -9.62
N PHE A 71 -0.82 -9.76 -10.80
CA PHE A 71 0.18 -9.14 -11.68
C PHE A 71 -0.52 -8.34 -12.78
N SER A 72 -0.01 -7.14 -13.03
CA SER A 72 -0.55 -6.30 -14.10
C SER A 72 0.57 -5.60 -14.86
N VAL A 73 0.32 -5.28 -16.12
CA VAL A 73 1.30 -4.60 -16.96
C VAL A 73 0.70 -3.29 -17.44
N ASN A 74 1.36 -2.20 -17.06
CA ASN A 74 0.95 -0.83 -17.37
C ASN A 74 -0.58 -0.66 -17.37
N GLY A 75 -1.21 -1.03 -16.26
CA GLY A 75 -2.64 -0.81 -16.03
C GLY A 75 -3.57 -2.02 -16.17
N SER A 76 -3.13 -3.04 -16.87
CA SER A 76 -3.99 -4.15 -17.26
C SER A 76 -3.61 -5.48 -16.60
N ILE A 77 -4.60 -6.18 -16.04
CA ILE A 77 -4.34 -7.49 -15.40
C ILE A 77 -3.62 -8.49 -16.30
N SER A 78 -2.54 -9.07 -15.77
CA SER A 78 -1.77 -10.13 -16.46
C SER A 78 -2.04 -11.50 -15.83
N ALA A 79 -2.09 -11.54 -14.50
CA ALA A 79 -2.31 -12.77 -13.75
C ALA A 79 -3.02 -12.40 -12.46
N SER A 80 -4.11 -13.09 -12.20
CA SER A 80 -5.00 -12.78 -11.09
C SER A 80 -4.94 -13.94 -10.07
N GLY A 81 -4.72 -13.61 -8.80
CA GLY A 81 -4.70 -14.62 -7.73
C GLY A 81 -3.61 -15.67 -7.88
N VAL A 82 -2.39 -15.23 -8.15
CA VAL A 82 -1.24 -16.14 -8.14
C VAL A 82 -0.88 -16.40 -6.69
N ALA A 83 -0.95 -17.66 -6.29
CA ALA A 83 -0.71 -17.99 -4.91
C ALA A 83 0.79 -18.16 -4.67
N PHE A 84 1.26 -17.63 -3.55
CA PHE A 84 2.63 -17.83 -3.14
C PHE A 84 2.62 -18.59 -1.82
N GLY A 85 2.78 -19.91 -1.94
CA GLY A 85 2.61 -20.83 -0.82
C GLY A 85 3.85 -20.85 0.06
N SER A 86 3.76 -21.63 1.13
CA SER A 86 4.83 -21.72 2.12
C SER A 86 6.17 -22.13 1.55
N THR A 87 7.23 -21.51 2.05
CA THR A 87 8.61 -21.94 1.77
C THR A 87 9.23 -22.48 3.07
N GLY A 88 8.41 -22.55 4.13
CA GLY A 88 8.81 -23.09 5.43
C GLY A 88 9.48 -22.06 6.32
N THR A 89 10.58 -21.52 5.82
CA THR A 89 11.32 -20.46 6.50
C THR A 89 11.51 -19.27 5.56
N TRP A 90 11.80 -18.12 6.14
CA TRP A 90 12.01 -16.90 5.37
C TRP A 90 13.30 -16.89 4.51
N PRO A 91 14.42 -17.49 4.99
CA PRO A 91 15.60 -17.63 4.11
C PRO A 91 15.53 -18.66 2.98
N ALA A 92 14.49 -19.50 2.96
CA ALA A 92 14.36 -20.56 1.96
C ALA A 92 13.72 -20.04 0.67
N TRP A 93 14.44 -19.15 -0.03
CA TRP A 93 13.94 -18.56 -1.28
C TRP A 93 13.61 -19.60 -2.36
N THR A 94 12.46 -19.41 -3.00
CA THR A 94 12.06 -20.27 -4.09
CA THR A 94 12.03 -20.27 -4.08
C THR A 94 11.54 -19.43 -5.26
N THR A 95 11.38 -20.06 -6.41
CA THR A 95 10.92 -19.35 -7.57
C THR A 95 9.56 -19.84 -8.04
N LYS A 96 8.83 -18.94 -8.69
CA LYS A 96 7.59 -19.31 -9.36
C LYS A 96 7.51 -18.49 -10.63
N THR A 97 7.17 -19.16 -11.73
CA THR A 97 7.08 -18.51 -13.03
C THR A 97 5.65 -18.04 -13.31
N VAL A 98 5.53 -16.79 -13.77
CA VAL A 98 4.26 -16.18 -14.13
C VAL A 98 4.37 -15.70 -15.57
N ARG A 99 3.38 -16.06 -16.40
CA ARG A 99 3.30 -15.62 -17.80
C ARG A 99 2.77 -14.19 -17.88
N VAL A 100 3.55 -13.31 -18.51
CA VAL A 100 3.15 -11.91 -18.65
CA VAL A 100 3.19 -11.90 -18.63
C VAL A 100 3.38 -11.45 -20.09
N THR A 101 2.36 -10.82 -20.66
CA THR A 101 2.46 -10.30 -22.03
C THR A 101 2.95 -8.86 -22.02
N LEU A 102 4.01 -8.64 -22.78
CA LEU A 102 4.73 -7.38 -22.79
C LEU A 102 4.80 -6.81 -24.20
N ALA A 103 4.86 -5.48 -24.28
CA ALA A 103 5.22 -4.76 -25.51
C ALA A 103 6.75 -4.75 -25.71
N ALA A 104 7.21 -4.63 -26.95
CA ALA A 104 8.64 -4.38 -27.20
C ALA A 104 9.04 -3.12 -26.47
N GLY A 105 10.20 -3.15 -25.82
CA GLY A 105 10.70 -1.99 -25.12
C GLY A 105 10.37 -1.99 -23.64
N VAL A 106 10.21 -0.80 -23.09
CA VAL A 106 9.96 -0.58 -21.67
C VAL A 106 8.51 -0.95 -21.26
N ASN A 107 8.40 -1.68 -20.15
CA ASN A 107 7.13 -2.09 -19.58
C ASN A 107 7.25 -1.93 -18.06
N LYS A 108 6.12 -1.72 -17.39
CA LYS A 108 6.08 -1.84 -15.93
C LYS A 108 5.23 -3.04 -15.56
N ILE A 109 5.79 -3.90 -14.71
CA ILE A 109 5.09 -5.08 -14.17
C ILE A 109 4.86 -4.83 -12.68
N LYS A 110 3.60 -4.84 -12.27
CA LYS A 110 3.25 -4.63 -10.87
C LYS A 110 2.67 -5.91 -10.23
N ALA A 111 3.09 -6.21 -9.01
CA ALA A 111 2.59 -7.35 -8.24
C ALA A 111 2.01 -6.83 -6.90
N VAL A 112 0.68 -6.84 -6.79
CA VAL A 112 -0.08 -6.28 -5.65
C VAL A 112 -0.68 -7.40 -4.78
N ALA A 113 -0.53 -7.27 -3.47
CA ALA A 113 -1.12 -8.23 -2.54
C ALA A 113 -2.62 -7.99 -2.48
N THR A 114 -3.37 -9.09 -2.52
CA THR A 114 -4.82 -9.02 -2.56
C THR A 114 -5.47 -9.41 -1.23
N THR A 115 -4.66 -9.89 -0.29
CA THR A 115 -5.18 -10.28 1.02
C THR A 115 -4.55 -9.48 2.15
N ALA A 116 -5.23 -9.47 3.30
CA ALA A 116 -4.75 -8.79 4.51
C ALA A 116 -3.38 -9.23 5.01
N ASN A 117 -2.90 -10.40 4.57
CA ASN A 117 -1.56 -10.84 4.97
C ASN A 117 -0.43 -10.24 4.15
N GLY A 118 -0.79 -9.44 3.14
CA GLY A 118 0.20 -8.83 2.27
C GLY A 118 0.86 -9.86 1.36
N GLY A 119 2.05 -9.53 0.87
CA GLY A 119 2.75 -10.38 -0.07
C GLY A 119 3.80 -11.25 0.61
N PRO A 120 4.35 -12.22 -0.16
CA PRO A 120 5.53 -12.91 0.29
C PRO A 120 6.63 -11.85 0.31
N ASN A 121 7.77 -12.14 0.96
CA ASN A 121 8.95 -11.31 0.76
C ASN A 121 9.39 -11.61 -0.67
N VAL A 122 9.79 -10.58 -1.40
CA VAL A 122 10.18 -10.75 -2.81
C VAL A 122 11.61 -10.26 -3.01
N ASP A 123 12.44 -11.13 -3.57
CA ASP A 123 13.84 -10.81 -3.80
C ASP A 123 14.01 -10.03 -5.11
N LYS A 124 13.36 -10.52 -6.17
CA LYS A 124 13.53 -10.02 -7.52
C LYS A 124 12.56 -10.73 -8.45
N ILE A 125 12.47 -10.22 -9.68
CA ILE A 125 11.93 -10.99 -10.81
C ILE A 125 13.02 -11.12 -11.86
N THR A 126 12.95 -12.20 -12.65
CA THR A 126 13.92 -12.45 -13.71
C THR A 126 13.16 -12.82 -14.99
N LEU A 127 13.54 -12.20 -16.09
CA LEU A 127 12.92 -12.46 -17.38
C LEU A 127 13.87 -12.13 -18.52
N ASP B 2 4.22 8.20 -8.95
CA ASP B 2 4.44 7.51 -7.64
C ASP B 2 3.71 8.22 -6.51
N PRO B 3 3.18 7.44 -5.54
CA PRO B 3 2.43 8.02 -4.43
C PRO B 3 3.26 8.92 -3.51
N VAL B 4 2.60 9.98 -3.03
CA VAL B 4 3.18 10.98 -2.16
C VAL B 4 2.51 10.88 -0.79
N ASP B 5 3.28 11.16 0.27
CA ASP B 5 2.79 11.21 1.62
C ASP B 5 2.29 12.60 1.93
N TYR B 6 1.07 12.67 2.41
CA TYR B 6 0.51 13.92 2.88
C TYR B 6 0.22 13.77 4.36
N GLN B 7 1.16 14.24 5.19
CA GLN B 7 1.05 14.09 6.64
C GLN B 7 -0.17 14.79 7.22
N ALA B 8 -0.89 14.09 8.10
CA ALA B 8 -2.07 14.66 8.75
C ALA B 8 -1.74 15.93 9.53
N GLU B 9 -0.57 15.91 10.19
CA GLU B 9 -0.10 17.05 11.01
C GLU B 9 0.22 18.31 10.18
N ASP B 10 0.32 18.18 8.85
CA ASP B 10 0.55 19.32 7.95
C ASP B 10 -0.75 19.84 7.30
N ALA B 11 -1.85 19.15 7.58
CA ALA B 11 -3.14 19.40 6.92
C ALA B 11 -4.01 20.33 7.77
N THR B 12 -5.21 20.65 7.29
CA THR B 12 -6.14 21.51 8.05
C THR B 12 -6.92 20.67 9.06
N ILE B 13 -6.72 20.96 10.34
CA ILE B 13 -7.31 20.17 11.42
C ILE B 13 -8.47 20.95 12.05
N VAL B 14 -9.58 20.26 12.26
CA VAL B 14 -10.74 20.85 12.91
C VAL B 14 -11.13 19.97 14.11
N GLN B 15 -11.12 20.58 15.30
CA GLN B 15 -11.37 19.84 16.54
C GLN B 15 -10.46 18.62 16.68
N GLY B 16 -9.16 18.88 16.63
CA GLY B 16 -8.14 17.85 16.81
C GLY B 16 -6.82 18.53 17.15
N ALA B 17 -5.77 17.73 17.35
CA ALA B 17 -4.48 18.22 17.79
C ALA B 17 -3.34 17.39 17.23
N VAL B 18 -2.23 18.05 16.88
CA VAL B 18 -1.03 17.35 16.45
C VAL B 18 -0.35 16.80 17.71
N GLU B 19 -0.15 15.48 17.74
CA GLU B 19 0.49 14.81 18.87
C GLU B 19 1.55 13.84 18.39
N SER B 20 2.35 13.32 19.31
CA SER B 20 3.49 12.49 18.97
C SER B 20 3.89 11.58 20.14
N ASN B 21 2.89 11.21 20.96
CA ASN B 21 3.14 10.45 22.19
C ASN B 21 2.95 8.95 22.04
N HIS B 22 2.60 8.50 20.83
CA HIS B 22 2.58 7.09 20.52
C HIS B 22 3.61 6.82 19.44
N ALA B 23 4.41 5.78 19.60
CA ALA B 23 5.46 5.46 18.62
C ALA B 23 4.90 5.02 17.26
N GLY B 24 5.70 5.19 16.21
CA GLY B 24 5.41 4.54 14.92
C GLY B 24 4.77 5.42 13.86
N TYR B 25 4.41 6.64 14.24
CA TYR B 25 3.98 7.65 13.26
C TYR B 25 5.13 7.97 12.29
N THR B 26 4.80 8.52 11.12
CA THR B 26 5.80 9.03 10.21
C THR B 26 5.69 10.56 10.12
N GLY B 27 6.67 11.21 9.51
CA GLY B 27 6.73 12.66 9.60
C GLY B 27 7.02 13.09 11.03
N THR B 28 6.52 14.26 11.41
CA THR B 28 6.84 14.81 12.74
C THR B 28 5.81 14.44 13.84
N GLY B 29 4.71 13.80 13.44
CA GLY B 29 3.69 13.40 14.42
C GLY B 29 2.49 12.74 13.77
N PHE B 30 1.32 12.96 14.36
CA PHE B 30 0.05 12.49 13.81
C PHE B 30 -1.05 13.39 14.33
N VAL B 31 -2.26 13.21 13.80
CA VAL B 31 -3.41 13.90 14.33
C VAL B 31 -4.26 13.03 15.27
N ASN B 32 -4.52 13.59 16.46
CA ASN B 32 -5.48 13.02 17.37
C ASN B 32 -6.81 13.79 17.20
N TYR B 33 -7.82 13.13 16.64
CA TYR B 33 -9.15 13.75 16.53
C TYR B 33 -9.77 13.95 17.92
N ASP B 34 -10.37 15.11 18.19
CA ASP B 34 -11.20 15.22 19.40
C ASP B 34 -12.31 14.17 19.39
N ASN B 35 -12.65 13.64 20.57
CA ASN B 35 -13.69 12.62 20.67
C ASN B 35 -15.06 13.26 20.63
N VAL B 36 -15.48 13.60 19.41
CA VAL B 36 -16.72 14.30 19.13
C VAL B 36 -17.01 14.08 17.63
N ALA B 37 -18.27 13.94 17.25
CA ALA B 37 -18.64 14.00 15.82
C ALA B 37 -18.28 15.38 15.26
N GLY B 38 -17.76 15.42 14.05
CA GLY B 38 -17.39 16.69 13.42
C GLY B 38 -15.92 17.02 13.41
N SER B 39 -15.12 16.30 14.22
CA SER B 39 -13.67 16.46 14.17
C SER B 39 -13.22 16.06 12.76
N SER B 40 -12.24 16.76 12.20
CA SER B 40 -11.86 16.51 10.81
C SER B 40 -10.42 16.85 10.47
N VAL B 41 -9.91 16.24 9.40
CA VAL B 41 -8.65 16.64 8.82
C VAL B 41 -8.88 16.80 7.32
N GLU B 42 -8.32 17.87 6.75
CA GLU B 42 -8.47 18.12 5.31
C GLU B 42 -7.10 18.34 4.69
N TRP B 43 -6.74 17.44 3.77
CA TRP B 43 -5.45 17.47 3.10
C TRP B 43 -5.58 18.16 1.75
N THR B 44 -4.58 18.96 1.40
CA THR B 44 -4.47 19.49 0.04
C THR B 44 -3.48 18.60 -0.73
N VAL B 45 -3.95 18.04 -1.84
CA VAL B 45 -3.18 17.06 -2.61
C VAL B 45 -3.06 17.53 -4.05
N THR B 46 -2.07 16.99 -4.77
CA THR B 46 -1.92 17.26 -6.21
C THR B 46 -1.67 15.96 -6.96
N VAL B 47 -2.48 15.72 -7.98
CA VAL B 47 -2.40 14.52 -8.78
C VAL B 47 -2.28 14.86 -10.27
N PRO B 48 -1.63 13.98 -11.04
CA PRO B 48 -1.36 14.31 -12.44
C PRO B 48 -2.55 14.14 -13.39
N SER B 49 -3.52 13.31 -13.00
CA SER B 49 -4.69 13.07 -13.85
C SER B 49 -5.99 12.81 -13.09
N ALA B 50 -7.10 13.18 -13.75
CA ALA B 50 -8.44 12.91 -13.27
C ALA B 50 -8.69 11.40 -13.21
N GLY B 51 -9.35 10.96 -12.15
CA GLY B 51 -9.64 9.55 -11.99
C GLY B 51 -9.84 9.16 -10.54
N THR B 52 -10.06 7.87 -10.31
CA THR B 52 -10.32 7.36 -8.97
C THR B 52 -9.00 6.82 -8.42
N TYR B 53 -8.58 7.38 -7.29
CA TYR B 53 -7.31 7.06 -6.67
C TYR B 53 -7.52 6.18 -5.44
N ASP B 54 -6.56 5.28 -5.21
CA ASP B 54 -6.47 4.55 -3.96
C ASP B 54 -5.81 5.44 -2.89
N VAL B 55 -6.62 5.98 -1.99
CA VAL B 55 -6.08 6.85 -0.95
C VAL B 55 -5.77 5.97 0.27
N VAL B 56 -4.49 5.79 0.55
CA VAL B 56 -4.10 4.91 1.65
C VAL B 56 -4.05 5.71 2.95
N VAL B 57 -4.95 5.38 3.87
CA VAL B 57 -5.04 6.09 5.14
C VAL B 57 -4.29 5.31 6.22
N ARG B 58 -3.26 5.91 6.79
CA ARG B 58 -2.51 5.26 7.87
C ARG B 58 -3.01 5.75 9.24
N TYR B 59 -3.47 4.81 10.07
CA TYR B 59 -4.25 5.15 11.26
C TYR B 59 -4.00 4.17 12.42
N ALA B 60 -4.43 4.55 13.61
CA ALA B 60 -4.47 3.63 14.74
C ALA B 60 -5.74 3.81 15.54
N ASN B 61 -6.22 2.73 16.13
CA ASN B 61 -7.41 2.72 16.97
C ASN B 61 -7.20 1.73 18.11
N GLY B 62 -6.75 2.24 19.26
CA GLY B 62 -6.50 1.40 20.43
C GLY B 62 -7.74 1.13 21.26
N THR B 63 -8.86 0.85 20.57
CA THR B 63 -10.15 0.55 21.22
C THR B 63 -10.85 -0.59 20.48
N THR B 64 -11.89 -1.17 21.08
CA THR B 64 -12.61 -2.28 20.44
C THR B 64 -13.79 -1.76 19.57
N THR B 65 -13.97 -0.45 19.51
CA THR B 65 -15.06 0.15 18.73
C THR B 65 -14.52 0.82 17.47
N SER B 66 -15.08 0.42 16.34
CA SER B 66 -14.74 1.02 15.07
C SER B 66 -15.09 2.51 15.05
N ARG B 67 -14.26 3.32 14.39
CA ARG B 67 -14.53 4.75 14.30
C ARG B 67 -14.70 5.20 12.84
N PRO B 68 -15.94 5.47 12.42
CA PRO B 68 -16.17 5.80 11.01
C PRO B 68 -15.86 7.25 10.61
N LEU B 69 -15.38 7.41 9.37
CA LEU B 69 -15.15 8.72 8.76
C LEU B 69 -15.89 8.82 7.43
N ASP B 70 -16.34 10.04 7.12
CA ASP B 70 -16.89 10.37 5.80
C ASP B 70 -15.81 11.16 5.07
N PHE B 71 -15.46 10.68 3.89
CA PHE B 71 -14.50 11.33 3.04
C PHE B 71 -15.22 12.16 2.00
N SER B 72 -14.73 13.38 1.75
CA SER B 72 -15.30 14.23 0.71
C SER B 72 -14.22 15.00 -0.02
N VAL B 73 -14.57 15.50 -1.21
CA VAL B 73 -13.71 16.35 -2.01
C VAL B 73 -14.55 17.53 -2.46
N ASN B 74 -14.17 18.74 -2.03
CA ASN B 74 -14.88 19.98 -2.37
C ASN B 74 -16.35 19.97 -2.00
N GLY B 75 -16.66 19.47 -0.81
CA GLY B 75 -18.04 19.39 -0.36
C GLY B 75 -18.88 18.28 -0.99
N SER B 76 -18.25 17.45 -1.83
CA SER B 76 -18.92 16.30 -2.44
C SER B 76 -18.48 14.98 -1.82
N ILE B 77 -19.44 14.21 -1.30
CA ILE B 77 -19.14 12.91 -0.66
C ILE B 77 -18.37 11.97 -1.59
N SER B 78 -17.27 11.41 -1.08
CA SER B 78 -16.48 10.42 -1.81
C SER B 78 -16.64 9.02 -1.21
N ALA B 79 -16.74 8.95 0.11
CA ALA B 79 -16.95 7.71 0.83
C ALA B 79 -17.73 8.04 2.09
N SER B 80 -18.76 7.26 2.36
CA SER B 80 -19.64 7.47 3.50
C SER B 80 -19.52 6.28 4.46
N GLY B 81 -19.20 6.57 5.72
CA GLY B 81 -19.13 5.53 6.76
C GLY B 81 -18.02 4.52 6.57
N VAL B 82 -16.82 5.02 6.26
CA VAL B 82 -15.62 4.19 6.26
C VAL B 82 -15.26 3.88 7.72
N ALA B 83 -15.35 2.60 8.08
CA ALA B 83 -15.15 2.17 9.46
C ALA B 83 -13.69 1.84 9.73
N PHE B 84 -13.12 2.49 10.74
CA PHE B 84 -11.72 2.27 11.10
C PHE B 84 -11.64 1.43 12.37
N GLY B 85 -11.36 0.15 12.18
CA GLY B 85 -11.44 -0.83 13.24
C GLY B 85 -10.27 -0.79 14.19
N SER B 86 -10.32 -1.66 15.18
CA SER B 86 -9.27 -1.78 16.18
C SER B 86 -7.91 -2.14 15.59
N THR B 87 -6.87 -1.53 16.15
CA THR B 87 -5.50 -1.95 15.92
C THR B 87 -4.88 -2.52 17.21
N GLY B 88 -5.71 -2.75 18.22
CA GLY B 88 -5.25 -3.38 19.44
C GLY B 88 -4.63 -2.36 20.38
N THR B 89 -3.62 -1.64 19.89
CA THR B 89 -2.97 -0.58 20.67
C THR B 89 -2.75 0.66 19.79
N TRP B 90 -2.52 1.79 20.45
CA TRP B 90 -2.31 3.07 19.76
C TRP B 90 -1.01 3.18 18.94
N PRO B 91 0.11 2.60 19.41
CA PRO B 91 1.27 2.59 18.51
C PRO B 91 1.21 1.58 17.35
N ALA B 92 0.15 0.77 17.28
CA ALA B 92 0.04 -0.29 16.26
C ALA B 92 -0.62 0.19 14.95
N TRP B 93 0.09 1.03 14.21
CA TRP B 93 -0.47 1.63 13.00
C TRP B 93 -0.79 0.59 11.92
N THR B 94 -1.86 0.82 11.18
CA THR B 94 -2.12 0.07 9.95
C THR B 94 -2.72 0.98 8.88
N THR B 95 -3.07 0.40 7.73
CA THR B 95 -3.63 1.19 6.66
C THR B 95 -4.97 0.66 6.17
N LYS B 96 -5.75 1.58 5.63
CA LYS B 96 -6.98 1.23 4.94
C LYS B 96 -7.06 2.07 3.68
N THR B 97 -7.42 1.43 2.57
CA THR B 97 -7.52 2.12 1.29
C THR B 97 -8.95 2.59 1.02
N VAL B 98 -9.07 3.88 0.71
CA VAL B 98 -10.34 4.48 0.36
C VAL B 98 -10.26 4.98 -1.09
N ARG B 99 -11.29 4.65 -1.88
CA ARG B 99 -11.44 5.14 -3.25
C ARG B 99 -11.99 6.56 -3.28
N VAL B 100 -11.23 7.45 -3.92
CA VAL B 100 -11.59 8.85 -4.00
C VAL B 100 -11.35 9.32 -5.44
N THR B 101 -12.39 9.88 -6.05
CA THR B 101 -12.32 10.46 -7.39
C THR B 101 -11.82 11.90 -7.30
N LEU B 102 -10.78 12.17 -8.07
CA LEU B 102 -10.10 13.46 -8.06
C LEU B 102 -10.05 14.09 -9.45
N ALA B 103 -9.98 15.41 -9.50
CA ALA B 103 -9.64 16.15 -10.73
C ALA B 103 -8.13 16.21 -10.89
N ALA B 104 -7.66 16.42 -12.13
CA ALA B 104 -6.25 16.72 -12.38
C ALA B 104 -5.83 17.98 -11.64
N GLY B 105 -4.70 17.91 -10.94
CA GLY B 105 -4.18 19.07 -10.22
C GLY B 105 -4.49 19.01 -8.74
N VAL B 106 -4.76 20.18 -8.17
CA VAL B 106 -5.01 20.34 -6.74
C VAL B 106 -6.45 19.94 -6.38
N ASN B 107 -6.55 19.14 -5.32
CA ASN B 107 -7.82 18.77 -4.70
C ASN B 107 -7.68 18.89 -3.19
N LYS B 108 -8.81 19.07 -2.49
CA LYS B 108 -8.84 18.93 -1.03
C LYS B 108 -9.67 17.71 -0.63
N ILE B 109 -9.05 16.83 0.15
CA ILE B 109 -9.73 15.63 0.65
C ILE B 109 -9.98 15.83 2.12
N LYS B 110 -11.25 15.82 2.52
CA LYS B 110 -11.63 15.95 3.93
C LYS B 110 -12.14 14.62 4.51
N ALA B 111 -11.69 14.28 5.72
CA ALA B 111 -12.18 13.13 6.45
C ALA B 111 -12.75 13.56 7.82
N VAL B 112 -14.07 13.48 7.94
CA VAL B 112 -14.78 13.95 9.13
C VAL B 112 -15.35 12.78 9.92
N ALA B 113 -15.18 12.85 11.24
CA ALA B 113 -15.70 11.83 12.14
C ALA B 113 -17.21 11.97 12.23
N THR B 114 -17.93 10.85 12.20
CA THR B 114 -19.39 10.92 12.26
C THR B 114 -19.98 10.47 13.59
N THR B 115 -19.15 9.92 14.47
CA THR B 115 -19.62 9.50 15.80
C THR B 115 -18.95 10.24 16.95
N ALA B 116 -19.55 10.10 18.15
CA ALA B 116 -19.08 10.76 19.37
C ALA B 116 -17.69 10.28 19.81
N ASN B 117 -17.21 9.18 19.24
CA ASN B 117 -15.85 8.69 19.53
C ASN B 117 -14.79 9.38 18.71
N GLY B 118 -15.22 10.22 17.76
CA GLY B 118 -14.30 10.95 16.90
C GLY B 118 -13.64 10.02 15.91
N GLY B 119 -12.48 10.40 15.37
CA GLY B 119 -11.80 9.57 14.41
C GLY B 119 -10.74 8.70 15.05
N PRO B 120 -10.14 7.80 14.24
CA PRO B 120 -8.93 7.15 14.73
C PRO B 120 -7.83 8.20 14.78
N ASN B 121 -6.72 7.88 15.42
CA ASN B 121 -5.52 8.70 15.26
C ASN B 121 -5.08 8.52 13.81
N VAL B 122 -4.74 9.61 13.12
CA VAL B 122 -4.37 9.49 11.70
C VAL B 122 -2.96 10.02 11.47
N ASP B 123 -2.10 9.20 10.88
CA ASP B 123 -0.71 9.56 10.66
C ASP B 123 -0.58 10.43 9.39
N LYS B 124 -1.26 10.02 8.33
CA LYS B 124 -1.13 10.60 7.00
C LYS B 124 -2.12 9.92 6.05
N ILE B 125 -2.21 10.46 4.84
CA ILE B 125 -2.73 9.72 3.69
C ILE B 125 -1.63 9.69 2.63
N THR B 126 -1.66 8.64 1.81
CA THR B 126 -0.70 8.44 0.74
C THR B 126 -1.47 8.09 -0.54
N LEU B 127 -1.18 8.83 -1.61
CA LEU B 127 -1.82 8.64 -2.91
C LEU B 127 -0.97 9.23 -4.04
CA CA C . 17.02 -8.60 -4.05
C1 GCU D . 8.28 -11.87 9.79
C2 GCU D . 9.44 -11.90 8.79
C3 GCU D . 9.22 -10.86 7.70
C4 GCU D . 7.89 -11.13 7.02
C5 GCU D . 6.74 -11.09 8.05
C6 GCU D . 5.40 -11.44 7.40
O1 GCU D . 8.32 -10.64 10.50
O2 GCU D . 10.68 -11.67 9.43
O3 GCU D . 10.26 -10.92 6.75
O4 GCU D . 7.70 -10.19 5.98
O5 GCU D . 7.02 -12.00 9.12
O6A GCU D . 5.02 -10.87 6.35
O6B GCU D . 4.72 -12.35 7.93
C1 EDO E . 23.37 -12.89 0.73
O1 EDO E . 22.53 -13.80 -0.01
C2 EDO E . 22.72 -12.61 2.06
O2 EDO E . 22.86 -13.77 2.88
C1 EDO F . -1.21 -12.77 -19.64
O1 EDO F . -0.13 -13.28 -20.44
C2 EDO F . -1.41 -11.28 -19.92
O2 EDO F . -0.22 -10.58 -19.57
CA CA G . 5.39 -8.53 5.46
CA CA H . 2.45 11.81 10.42
C1 GCU I . -6.17 7.91 24.23
C2 GCU I . -5.00 7.88 23.25
C3 GCU I . -5.18 8.95 22.17
C4 GCU I . -6.52 8.71 21.45
C5 GCU I . -7.66 8.71 22.48
C6 GCU I . -9.02 8.37 21.86
O1 GCU I . -6.14 9.13 24.95
O2 GCU I . -3.79 8.01 23.96
O3 GCU I . -4.10 8.90 21.27
O4 GCU I . -6.74 9.70 20.45
O5 GCU I . -7.38 7.76 23.50
O6A GCU I . -9.49 9.08 20.94
O6B GCU I . -9.62 7.38 22.31
C1 EDO J . 8.89 7.29 14.91
O1 EDO J . 8.00 6.43 14.20
C2 EDO J . 8.24 7.67 16.25
O2 EDO J . 8.43 6.59 17.15
C1 EDO K . -15.88 7.65 -5.69
O1 EDO K . -14.54 7.20 -5.81
C2 EDO K . -15.97 8.76 -4.66
O2 EDO K . -15.07 9.84 -4.95
CA CA L . -9.11 10.79 19.84
#